data_8XRH
#
_entry.id   8XRH
#
_cell.length_a   85.650
_cell.length_b   85.650
_cell.length_c   211.830
_cell.angle_alpha   90.00
_cell.angle_beta   90.00
_cell.angle_gamma   120.00
#
_symmetry.space_group_name_H-M   'P 61 2 2'
#
loop_
_entity.id
_entity.type
_entity.pdbx_description
1 polymer 'DNA topoisomerase 2'
2 non-polymer 'PHOSPHOAMINOPHOSPHONIC ACID-ADENYLATE ESTER'
3 non-polymer 'MAGNESIUM ION'
4 non-polymer '2-(N-MORPHOLINO)-ETHANESULFONIC ACID'
5 water water
#
_entity_poly.entity_id   1
_entity_poly.type   'polypeptide(L)'
_entity_poly.pdbx_seq_one_letter_code
;MEAFEISDFKEHAKKKSMWAGALNKVTISGLMGVFTEDEDLMALPIHRDHCPALLKIFDELIVNATDHERACHSKTKKVT
YIKISFDKGVFSCENDGPGIPIAKHEQASLIAKRDVYVPEVASCFFLAGTNINKAKDCIKGGTNGVGLKLAMVHSQWAIL
TTADGAQKYVQQINQRLDIIEPPTITPSREMFTRIELMPVYQELGYAEPLSETEQADLSAWIYLRACQCAAYVGKGTTIY
YNDKPCRTGSVMALAKMYTLLSAPNSTIHTATIKADAKPYSLHPLQVAAVVSPKFKKFEHVSIINGVNCVKGEHVTFLKK
TINEMVIKKFQQTIKDKNRKTTLRDSCSNIFVVIVGSIPGIEWTGQRKDELSIAENVFKTHYSIPSSFLTSMTRSIVDIL
LQSISKKD
;
_entity_poly.pdbx_strand_id   A
#
loop_
_chem_comp.id
_chem_comp.type
_chem_comp.name
_chem_comp.formula
ANP non-polymer 'PHOSPHOAMINOPHOSPHONIC ACID-ADENYLATE ESTER' 'C10 H17 N6 O12 P3'
MES non-polymer '2-(N-MORPHOLINO)-ETHANESULFONIC ACID' 'C6 H13 N O4 S'
MG non-polymer 'MAGNESIUM ION' 'Mg 2'
#
# COMPACT_ATOMS: atom_id res chain seq x y z
N ALA A 3 23.76 31.33 -7.31
CA ALA A 3 23.07 30.31 -8.09
C ALA A 3 23.11 28.93 -7.43
N PHE A 4 24.09 28.68 -6.57
CA PHE A 4 24.12 27.44 -5.79
C PHE A 4 23.29 27.69 -4.54
N GLU A 5 22.17 26.99 -4.44
CA GLU A 5 21.23 27.17 -3.34
C GLU A 5 21.21 25.91 -2.49
N ILE A 6 20.94 26.06 -1.20
CA ILE A 6 20.79 24.95 -0.28
C ILE A 6 19.35 24.95 0.21
N SER A 7 18.63 23.86 0.01
CA SER A 7 17.24 23.77 0.40
C SER A 7 17.08 23.04 1.73
N ASP A 8 16.03 23.41 2.46
CA ASP A 8 15.58 22.55 3.54
C ASP A 8 14.66 21.45 3.01
N PHE A 9 14.41 20.43 3.84
CA PHE A 9 13.55 19.32 3.41
C PHE A 9 12.20 19.79 2.95
N LYS A 10 11.57 20.64 3.76
CA LYS A 10 10.19 21.04 3.53
C LYS A 10 10.02 21.68 2.17
N GLU A 11 10.87 22.65 1.83
CA GLU A 11 10.73 23.33 0.56
C GLU A 11 11.08 22.40 -0.59
N HIS A 12 12.06 21.53 -0.39
CA HIS A 12 12.46 20.58 -1.42
C HIS A 12 11.30 19.64 -1.76
N ALA A 13 10.59 19.14 -0.74
CA ALA A 13 9.49 18.21 -1.00
C ALA A 13 8.34 18.87 -1.75
N LYS A 14 8.14 20.19 -1.61
CA LYS A 14 7.07 20.87 -2.34
C LYS A 14 7.36 21.07 -3.81
N LYS A 15 8.60 20.95 -4.24
CA LYS A 15 8.88 21.21 -5.63
C LYS A 15 9.62 20.10 -6.35
N LYS A 16 9.94 18.99 -5.67
CA LYS A 16 10.73 17.93 -6.27
C LYS A 16 9.92 16.65 -6.35
N SER A 17 9.82 16.12 -7.56
CA SER A 17 9.09 14.90 -7.83
C SER A 17 9.75 13.65 -7.25
N MET A 18 11.01 13.73 -6.79
CA MET A 18 11.64 12.47 -6.40
C MET A 18 11.02 11.87 -5.14
N TRP A 19 10.32 12.66 -4.32
CA TRP A 19 9.84 12.15 -3.02
C TRP A 19 8.60 11.30 -3.17
N ALA A 20 7.62 11.80 -3.94
CA ALA A 20 6.31 11.18 -4.04
C ALA A 20 5.84 11.05 -5.49
N GLY A 21 6.69 11.40 -6.46
CA GLY A 21 6.27 11.45 -7.84
C GLY A 21 5.85 12.85 -8.26
N ALA A 22 5.37 12.93 -9.49
CA ALA A 22 5.04 14.22 -10.10
C ALA A 22 4.03 14.98 -9.26
N LEU A 23 4.21 16.30 -9.23
CA LEU A 23 3.41 17.21 -8.42
C LEU A 23 2.32 17.92 -9.20
N ASN A 24 1.96 17.40 -10.37
CA ASN A 24 0.74 17.82 -11.03
C ASN A 24 0.24 16.59 -11.78
N LYS A 25 -0.80 16.77 -12.58
CA LYS A 25 -1.43 15.62 -13.23
C LYS A 25 -0.62 15.14 -14.43
N VAL A 26 -0.40 13.82 -14.47
CA VAL A 26 0.32 13.16 -15.54
C VAL A 26 -0.43 11.86 -15.86
N THR A 27 -0.01 11.19 -16.93
CA THR A 27 -0.61 9.90 -17.26
C THR A 27 0.02 8.82 -16.39
N ILE A 28 -0.82 8.11 -15.64
CA ILE A 28 -0.36 7.05 -14.75
C ILE A 28 -0.77 5.73 -15.39
N SER A 29 0.21 5.05 -16.01
CA SER A 29 -0.04 3.76 -16.62
C SER A 29 -0.60 2.78 -15.60
N GLY A 30 -1.68 2.10 -15.96
CA GLY A 30 -2.29 1.10 -15.12
C GLY A 30 -3.14 1.62 -13.98
N LEU A 31 -3.47 2.92 -13.97
CA LEU A 31 -4.27 3.48 -12.89
C LEU A 31 -5.63 2.80 -12.82
N MET A 32 -6.03 2.38 -11.62
CA MET A 32 -7.25 1.61 -11.44
C MET A 32 -8.01 2.13 -10.23
N GLY A 33 -9.32 1.96 -10.27
CA GLY A 33 -10.14 2.16 -9.08
C GLY A 33 -11.20 1.09 -9.04
N VAL A 34 -11.89 1.03 -7.91
CA VAL A 34 -12.97 0.07 -7.75
C VAL A 34 -14.30 0.80 -7.74
N PHE A 35 -15.27 0.19 -8.42
CA PHE A 35 -16.59 0.78 -8.62
C PHE A 35 -17.64 -0.26 -8.26
N THR A 36 -18.76 0.22 -7.75
CA THR A 36 -19.84 -0.64 -7.29
C THR A 36 -20.91 -0.70 -8.38
N GLU A 37 -21.22 -1.90 -8.83
CA GLU A 37 -22.33 -2.14 -9.75
C GLU A 37 -23.30 -3.07 -9.05
N ASP A 38 -24.46 -2.54 -8.68
CA ASP A 38 -25.38 -3.26 -7.78
C ASP A 38 -24.64 -3.65 -6.51
N GLU A 39 -24.43 -4.95 -6.31
CA GLU A 39 -23.73 -5.45 -5.13
C GLU A 39 -22.31 -5.91 -5.43
N ASP A 40 -21.85 -5.77 -6.66
CA ASP A 40 -20.57 -6.30 -7.09
C ASP A 40 -19.49 -5.22 -7.04
N LEU A 41 -18.27 -5.61 -6.68
CA LEU A 41 -17.10 -4.74 -6.79
C LEU A 41 -16.36 -5.06 -8.08
N MET A 42 -16.06 -4.02 -8.86
CA MET A 42 -15.42 -4.16 -10.16
C MET A 42 -14.26 -3.18 -10.23
N ALA A 43 -13.05 -3.69 -10.38
CA ALA A 43 -11.89 -2.82 -10.59
C ALA A 43 -11.84 -2.43 -12.06
N LEU A 44 -11.78 -1.13 -12.32
CA LEU A 44 -11.79 -0.62 -13.68
C LEU A 44 -10.68 0.41 -13.85
N PRO A 45 -10.14 0.53 -15.08
CA PRO A 45 -9.15 1.58 -15.33
C PRO A 45 -9.75 2.97 -15.21
N ILE A 46 -8.89 3.90 -14.80
CA ILE A 46 -9.17 5.32 -14.76
C ILE A 46 -8.29 5.96 -15.83
N HIS A 47 -8.88 6.23 -16.99
CA HIS A 47 -8.16 6.74 -18.16
C HIS A 47 -8.13 8.26 -18.18
N ARG A 48 -7.75 8.84 -17.05
CA ARG A 48 -7.60 10.29 -16.91
C ARG A 48 -6.32 10.56 -16.14
N ASP A 49 -5.65 11.64 -16.49
CA ASP A 49 -4.42 12.01 -15.81
C ASP A 49 -4.71 12.40 -14.37
N HIS A 50 -3.80 12.02 -13.47
CA HIS A 50 -3.93 12.30 -12.04
C HIS A 50 -2.57 12.64 -11.49
N CYS A 51 -2.54 13.21 -10.29
CA CYS A 51 -1.28 13.60 -9.66
C CYS A 51 -0.71 12.45 -8.82
N PRO A 52 0.43 11.87 -9.20
CA PRO A 52 1.01 10.79 -8.39
C PRO A 52 1.26 11.17 -6.94
N ALA A 53 1.76 12.37 -6.67
CA ALA A 53 2.08 12.74 -5.30
C ALA A 53 0.82 12.79 -4.42
N LEU A 54 -0.31 13.22 -4.99
CA LEU A 54 -1.56 13.22 -4.24
C LEU A 54 -1.93 11.80 -3.81
N LEU A 55 -1.87 10.85 -4.75
CA LEU A 55 -2.21 9.48 -4.41
C LEU A 55 -1.23 8.93 -3.37
N LYS A 56 0.01 9.40 -3.39
CA LYS A 56 1.00 8.96 -2.41
CA LYS A 56 0.99 8.94 -2.43
C LYS A 56 0.70 9.47 -1.02
N ILE A 57 0.07 10.64 -0.87
CA ILE A 57 -0.37 11.08 0.46
C ILE A 57 -1.19 9.98 1.10
N PHE A 58 -2.16 9.49 0.35
CA PHE A 58 -3.07 8.47 0.86
C PHE A 58 -2.30 7.18 1.12
N ASP A 59 -1.46 6.79 0.17
CA ASP A 59 -0.70 5.54 0.29
C ASP A 59 0.22 5.55 1.50
N GLU A 60 0.91 6.67 1.76
CA GLU A 60 1.84 6.70 2.89
C GLU A 60 1.11 6.45 4.20
N LEU A 61 -0.09 7.03 4.35
CA LEU A 61 -0.86 6.80 5.57
C LEU A 61 -1.34 5.36 5.65
N ILE A 62 -1.84 4.84 4.54
CA ILE A 62 -2.35 3.47 4.53
C ILE A 62 -1.26 2.46 4.84
N VAL A 63 -0.08 2.62 4.25
CA VAL A 63 1.00 1.68 4.53
C VAL A 63 1.48 1.82 5.97
N ASN A 64 1.46 3.04 6.54
CA ASN A 64 1.78 3.18 7.96
C ASN A 64 0.84 2.35 8.83
N ALA A 65 -0.45 2.34 8.48
CA ALA A 65 -1.41 1.57 9.25
C ALA A 65 -1.21 0.07 9.08
N THR A 66 -0.94 -0.39 7.85
CA THR A 66 -0.66 -1.81 7.64
C THR A 66 0.64 -2.21 8.30
N ASP A 67 1.64 -1.32 8.28
CA ASP A 67 2.88 -1.57 9.03
C ASP A 67 2.59 -1.80 10.50
N HIS A 68 1.72 -0.99 11.09
CA HIS A 68 1.45 -1.14 12.51
C HIS A 68 0.69 -2.44 12.77
N GLU A 69 -0.21 -2.81 11.86
CA GLU A 69 -0.89 -4.08 11.98
C GLU A 69 0.09 -5.25 11.99
N ARG A 70 1.09 -5.22 11.10
CA ARG A 70 2.09 -6.28 11.09
C ARG A 70 2.93 -6.23 12.35
N ALA A 71 3.30 -5.03 12.81
CA ALA A 71 4.09 -4.89 14.03
C ALA A 71 3.39 -5.51 15.24
N CYS A 72 2.07 -5.41 15.30
CA CYS A 72 1.33 -5.80 16.49
C CYS A 72 0.71 -7.18 16.39
N HIS A 73 0.85 -7.85 15.25
CA HIS A 73 0.05 -9.04 15.01
CA HIS A 73 0.08 -9.06 14.98
C HIS A 73 0.42 -10.19 15.94
N SER A 74 1.66 -10.25 16.40
CA SER A 74 2.06 -11.31 17.32
C SER A 74 2.03 -10.88 18.77
N LYS A 75 1.53 -9.69 19.06
CA LYS A 75 1.56 -9.10 20.39
C LYS A 75 0.17 -9.19 21.03
N THR A 76 0.14 -8.89 22.34
CA THR A 76 -1.11 -8.96 23.07
C THR A 76 -2.13 -7.98 22.52
N LYS A 77 -1.70 -6.73 22.28
CA LYS A 77 -2.58 -5.69 21.78
C LYS A 77 -2.41 -5.57 20.27
N LYS A 78 -3.37 -6.07 19.52
CA LYS A 78 -3.28 -6.13 18.07
C LYS A 78 -4.05 -4.97 17.42
N VAL A 79 -3.74 -4.72 16.16
CA VAL A 79 -4.58 -3.83 15.37
C VAL A 79 -5.78 -4.64 14.89
N THR A 80 -6.98 -4.18 15.23
CA THR A 80 -8.19 -4.87 14.77
C THR A 80 -8.93 -4.11 13.69
N TYR A 81 -8.62 -2.84 13.48
CA TYR A 81 -9.26 -2.13 12.39
C TYR A 81 -8.32 -1.11 11.79
N ILE A 82 -8.52 -0.86 10.51
CA ILE A 82 -7.97 0.31 9.83
C ILE A 82 -9.16 0.98 9.14
N LYS A 83 -9.46 2.22 9.53
CA LYS A 83 -10.57 2.98 8.98
C LYS A 83 -10.02 4.09 8.09
N ILE A 84 -10.38 4.03 6.81
CA ILE A 84 -9.97 5.02 5.81
C ILE A 84 -11.21 5.80 5.41
N SER A 85 -11.11 7.11 5.36
CA SER A 85 -12.24 7.98 5.06
CA SER A 85 -12.25 7.94 4.99
C SER A 85 -11.83 9.01 4.00
N PHE A 86 -12.77 9.36 3.13
CA PHE A 86 -12.54 10.37 2.09
C PHE A 86 -13.89 11.01 1.84
N ASP A 87 -14.04 12.27 2.22
CA ASP A 87 -15.33 12.95 2.14
C ASP A 87 -15.09 14.45 2.12
N LYS A 88 -15.67 15.13 1.14
CA LYS A 88 -15.52 16.58 1.02
C LYS A 88 -14.05 16.97 0.88
N GLY A 89 -13.24 16.08 0.31
CA GLY A 89 -11.82 16.29 0.19
C GLY A 89 -11.00 15.90 1.40
N VAL A 90 -11.62 15.72 2.55
CA VAL A 90 -10.89 15.37 3.77
C VAL A 90 -10.58 13.89 3.73
N PHE A 91 -9.31 13.54 3.97
CA PHE A 91 -8.85 12.17 4.02
C PHE A 91 -8.42 11.85 5.44
N SER A 92 -8.80 10.68 5.94
CA SER A 92 -8.31 10.25 7.23
C SER A 92 -8.00 8.77 7.21
N CYS A 93 -7.06 8.39 8.07
CA CYS A 93 -6.74 6.99 8.29
C CYS A 93 -6.54 6.80 9.79
N GLU A 94 -7.25 5.83 10.37
CA GLU A 94 -7.17 5.56 11.79
C GLU A 94 -6.99 4.07 12.00
N ASN A 95 -6.12 3.71 12.94
CA ASN A 95 -5.99 2.33 13.36
C ASN A 95 -5.94 2.28 14.88
N ASP A 96 -6.35 1.14 15.43
CA ASP A 96 -6.10 0.89 16.84
C ASP A 96 -4.75 0.21 17.07
N GLY A 97 -4.62 -0.57 18.14
CA GLY A 97 -3.32 -1.00 18.59
C GLY A 97 -2.64 0.14 19.34
N PRO A 98 -1.48 -0.14 19.93
CA PRO A 98 -0.80 0.88 20.74
C PRO A 98 -0.58 2.17 19.96
N GLY A 99 -0.83 3.29 20.61
CA GLY A 99 -0.63 4.58 19.98
C GLY A 99 0.84 4.92 19.85
N ILE A 100 1.11 5.99 19.13
CA ILE A 100 2.46 6.54 19.12
C ILE A 100 2.78 7.07 20.52
N PRO A 101 3.91 6.72 21.10
CA PRO A 101 4.19 7.09 22.50
C PRO A 101 4.05 8.59 22.73
N ILE A 102 3.34 8.95 23.80
CA ILE A 102 3.15 10.33 24.19
C ILE A 102 4.21 10.62 25.25
N ALA A 103 5.38 11.06 24.79
CA ALA A 103 6.51 11.31 25.65
C ALA A 103 7.43 12.31 24.97
N LYS A 104 8.14 13.09 25.77
CA LYS A 104 9.14 14.00 25.24
C LYS A 104 10.22 13.21 24.51
N HIS A 105 10.60 13.71 23.34
CA HIS A 105 11.72 13.16 22.58
C HIS A 105 12.93 14.05 22.86
N GLU A 106 13.93 13.49 23.56
CA GLU A 106 15.02 14.32 24.07
C GLU A 106 15.87 14.88 22.94
N GLN A 107 16.18 14.07 21.93
CA GLN A 107 17.01 14.53 20.83
C GLN A 107 16.31 15.61 20.01
N ALA A 108 15.03 15.41 19.68
CA ALA A 108 14.31 16.41 18.90
C ALA A 108 14.14 17.70 19.68
N SER A 109 13.90 17.61 21.00
CA SER A 109 13.74 18.80 21.82
C SER A 109 15.02 19.64 21.81
N LEU A 110 16.18 18.97 21.82
CA LEU A 110 17.46 19.69 21.74
C LEU A 110 17.64 20.34 20.37
N ILE A 111 17.28 19.62 19.30
CA ILE A 111 17.39 20.19 17.95
C ILE A 111 16.52 21.43 17.83
N ALA A 112 15.26 21.32 18.25
CA ALA A 112 14.29 22.39 18.06
C ALA A 112 14.33 23.45 19.15
N LYS A 113 15.07 23.19 20.24
CA LYS A 113 15.20 24.12 21.36
C LYS A 113 13.88 24.44 22.03
N ARG A 114 12.99 23.44 22.09
CA ARG A 114 11.72 23.50 22.80
C ARG A 114 11.24 22.07 22.98
N ASP A 115 10.20 21.89 23.79
CA ASP A 115 9.67 20.54 24.01
C ASP A 115 9.09 20.00 22.70
N VAL A 116 9.60 18.86 22.27
CA VAL A 116 9.06 18.12 21.13
C VAL A 116 8.69 16.72 21.61
N TYR A 117 7.45 16.31 21.38
CA TYR A 117 7.01 14.98 21.75
C TYR A 117 7.15 14.02 20.58
N VAL A 118 7.21 12.73 20.91
CA VAL A 118 7.40 11.69 19.90
C VAL A 118 6.47 11.80 18.69
N PRO A 119 5.15 12.04 18.86
CA PRO A 119 4.29 12.11 17.68
C PRO A 119 4.64 13.25 16.74
N GLU A 120 5.20 14.34 17.27
CA GLU A 120 5.68 15.42 16.40
C GLU A 120 6.94 15.00 15.65
N VAL A 121 7.82 14.22 16.28
CA VAL A 121 8.95 13.67 15.54
C VAL A 121 8.44 12.81 14.39
N ALA A 122 7.45 11.98 14.67
CA ALA A 122 6.93 11.05 13.67
C ALA A 122 6.35 11.79 12.48
N SER A 123 5.73 12.94 12.70
CA SER A 123 4.96 13.60 11.65
C SER A 123 5.65 14.81 11.05
N CYS A 124 6.63 15.38 11.73
CA CYS A 124 7.21 16.66 11.32
C CYS A 124 8.71 16.63 11.10
N PHE A 125 9.42 15.59 11.51
CA PHE A 125 10.87 15.49 11.32
C PHE A 125 11.17 14.51 10.19
N PHE A 126 11.84 15.01 9.14
CA PHE A 126 12.27 14.15 8.04
C PHE A 126 13.39 13.22 8.48
N LEU A 127 13.44 12.04 7.86
CA LEU A 127 14.42 11.00 8.20
C LEU A 127 14.29 10.55 9.64
N ALA A 128 13.05 10.37 10.09
CA ALA A 128 12.80 10.03 11.48
C ALA A 128 11.66 9.05 11.61
N GLY A 129 11.86 8.04 12.46
CA GLY A 129 10.85 7.02 12.66
C GLY A 129 11.46 5.84 13.40
N THR A 130 10.73 4.73 13.40
CA THR A 130 11.18 3.54 14.11
C THR A 130 11.88 2.52 13.20
N ASN A 131 12.09 2.85 11.93
CA ASN A 131 12.69 1.92 10.97
C ASN A 131 14.01 2.42 10.42
N ILE A 132 14.61 3.43 11.07
CA ILE A 132 15.88 3.96 10.58
C ILE A 132 16.94 2.86 10.57
N ASN A 133 16.93 2.00 11.59
CA ASN A 133 17.88 0.88 11.64
C ASN A 133 17.21 -0.47 11.45
N LYS A 134 16.36 -0.54 10.44
CA LYS A 134 15.55 -1.72 10.13
C LYS A 134 16.41 -2.96 9.87
N ALA A 135 16.01 -4.08 10.47
CA ALA A 135 16.66 -5.34 10.17
C ALA A 135 16.23 -5.86 8.80
N LYS A 136 17.11 -6.67 8.20
CA LYS A 136 16.83 -7.22 6.88
C LYS A 136 15.60 -8.11 6.85
N ASP A 137 15.19 -8.70 7.98
CA ASP A 137 14.00 -9.54 8.00
C ASP A 137 12.72 -8.81 8.38
N CYS A 138 12.77 -7.50 8.59
CA CYS A 138 11.56 -6.73 8.86
C CYS A 138 10.73 -6.61 7.59
N ILE A 139 9.43 -6.92 7.70
CA ILE A 139 8.56 -6.92 6.54
C ILE A 139 7.60 -5.72 6.51
N LYS A 140 7.79 -4.75 7.40
CA LYS A 140 7.12 -3.48 7.24
C LYS A 140 7.51 -2.86 5.90
N GLY A 141 6.56 -2.15 5.28
CA GLY A 141 6.92 -1.34 4.12
C GLY A 141 7.78 -0.16 4.50
N GLY A 142 7.45 0.48 5.62
CA GLY A 142 8.15 1.69 6.02
C GLY A 142 9.63 1.44 6.28
N THR A 143 10.44 2.39 5.82
CA THR A 143 11.88 2.27 6.01
CA THR A 143 11.90 2.27 5.91
C THR A 143 12.58 3.61 6.18
N ASN A 144 12.11 4.67 5.52
CA ASN A 144 12.90 5.90 5.43
C ASN A 144 12.64 6.94 6.50
N GLY A 145 11.52 6.89 7.22
CA GLY A 145 11.19 7.98 8.12
C GLY A 145 10.81 9.25 7.38
N VAL A 146 10.13 9.09 6.24
CA VAL A 146 9.80 10.19 5.34
C VAL A 146 8.30 10.29 5.06
N GLY A 147 7.62 9.14 4.90
CA GLY A 147 6.29 9.13 4.30
C GLY A 147 5.28 10.04 4.98
N LEU A 148 5.21 10.01 6.32
CA LEU A 148 4.21 10.81 7.01
C LEU A 148 4.48 12.30 6.84
N LYS A 149 5.76 12.67 6.76
CA LYS A 149 6.10 14.08 6.52
C LYS A 149 5.67 14.52 5.13
N LEU A 150 5.73 13.62 4.13
CA LEU A 150 5.22 13.98 2.81
C LEU A 150 3.71 14.22 2.85
N ALA A 151 2.98 13.41 3.60
CA ALA A 151 1.56 13.69 3.76
C ALA A 151 1.33 15.08 4.36
N MET A 152 2.12 15.44 5.38
CA MET A 152 1.96 16.73 6.04
C MET A 152 2.33 17.87 5.09
N VAL A 153 3.40 17.69 4.31
CA VAL A 153 3.89 18.79 3.47
C VAL A 153 2.95 19.08 2.32
N HIS A 154 2.06 18.15 1.98
CA HIS A 154 1.08 18.35 0.94
C HIS A 154 -0.33 18.56 1.49
N SER A 155 -0.44 19.00 2.74
CA SER A 155 -1.73 19.25 3.37
C SER A 155 -1.85 20.74 3.69
N GLN A 156 -3.01 21.33 3.36
CA GLN A 156 -3.25 22.69 3.85
C GLN A 156 -3.49 22.69 5.35
N TRP A 157 -4.12 21.64 5.86
CA TRP A 157 -4.23 21.44 7.30
C TRP A 157 -4.21 19.94 7.56
N ALA A 158 -3.75 19.57 8.75
CA ALA A 158 -3.73 18.17 9.17
C ALA A 158 -3.85 18.13 10.69
N ILE A 159 -4.41 17.03 11.18
CA ILE A 159 -4.56 16.79 12.62
C ILE A 159 -4.03 15.39 12.90
N LEU A 160 -3.03 15.29 13.77
CA LEU A 160 -2.59 14.01 14.28
C LEU A 160 -3.24 13.83 15.65
N THR A 161 -3.94 12.71 15.84
CA THR A 161 -4.51 12.35 17.13
C THR A 161 -4.03 10.95 17.49
N THR A 162 -3.48 10.79 18.68
CA THR A 162 -3.06 9.47 19.11
C THR A 162 -3.32 9.35 20.60
N ALA A 163 -3.64 8.12 21.03
CA ALA A 163 -3.92 7.87 22.43
C ALA A 163 -3.25 6.56 22.81
N ASP A 164 -2.72 6.51 24.03
CA ASP A 164 -1.90 5.39 24.48
C ASP A 164 -2.52 4.57 25.60
N GLY A 165 -3.82 4.74 25.88
CA GLY A 165 -4.47 4.09 26.98
C GLY A 165 -4.47 4.88 28.28
N ALA A 166 -3.63 5.91 28.37
CA ALA A 166 -3.57 6.81 29.52
C ALA A 166 -3.75 8.27 29.14
N GLN A 167 -3.24 8.68 27.98
CA GLN A 167 -3.33 10.05 27.53
C GLN A 167 -3.74 10.08 26.06
N LYS A 168 -4.33 11.20 25.66
CA LYS A 168 -4.62 11.49 24.27
C LYS A 168 -3.83 12.74 23.88
N TYR A 169 -3.33 12.75 22.65
CA TYR A 169 -2.47 13.80 22.11
C TYR A 169 -3.08 14.24 20.80
N VAL A 170 -3.40 15.53 20.69
CA VAL A 170 -3.97 16.11 19.48
C VAL A 170 -3.05 17.24 19.03
N GLN A 171 -2.65 17.23 17.76
CA GLN A 171 -1.75 18.27 17.27
C GLN A 171 -2.12 18.69 15.85
N GLN A 172 -2.27 19.99 15.63
CA GLN A 172 -2.50 20.54 14.31
C GLN A 172 -1.17 20.82 13.63
N ILE A 173 -1.06 20.38 12.39
CA ILE A 173 0.13 20.54 11.56
C ILE A 173 -0.36 21.16 10.28
N ASN A 174 -0.15 22.46 10.11
CA ASN A 174 -0.88 23.24 9.12
C ASN A 174 0.05 23.88 8.10
N GLN A 175 -0.53 24.24 6.96
CA GLN A 175 0.12 25.01 5.92
C GLN A 175 1.41 24.34 5.46
N ARG A 176 1.29 23.08 5.04
CA ARG A 176 2.41 22.36 4.41
C ARG A 176 3.65 22.34 5.29
N LEU A 177 3.45 22.05 6.57
CA LEU A 177 4.49 21.94 7.60
C LEU A 177 5.04 23.29 8.05
N ASP A 178 4.45 24.40 7.61
CA ASP A 178 4.93 25.72 8.04
C ASP A 178 4.51 26.02 9.47
N ILE A 179 3.37 25.51 9.91
CA ILE A 179 2.76 25.94 11.16
C ILE A 179 2.45 24.70 11.99
N ILE A 180 3.32 24.38 12.92
CA ILE A 180 3.15 23.25 13.82
C ILE A 180 2.63 23.83 15.13
N GLU A 181 1.39 23.53 15.46
CA GLU A 181 0.83 24.07 16.70
C GLU A 181 1.21 23.19 17.88
N PRO A 182 1.38 23.75 19.08
CA PRO A 182 1.67 22.91 20.24
C PRO A 182 0.55 21.91 20.48
N PRO A 183 0.88 20.72 20.97
CA PRO A 183 -0.15 19.70 21.14
C PRO A 183 -1.01 19.94 22.37
N THR A 184 -2.19 19.33 22.35
CA THR A 184 -3.08 19.29 23.50
C THR A 184 -3.04 17.87 24.04
N ILE A 185 -2.69 17.71 25.31
CA ILE A 185 -2.56 16.39 25.93
C ILE A 185 -3.54 16.29 27.08
N THR A 186 -4.35 15.25 27.07
CA THR A 186 -5.41 15.07 28.05
C THR A 186 -5.44 13.63 28.52
N PRO A 187 -6.05 13.36 29.67
CA PRO A 187 -6.22 11.96 30.10
C PRO A 187 -7.22 11.23 29.20
N SER A 188 -6.93 9.96 28.96
CA SER A 188 -7.77 9.16 28.09
C SER A 188 -7.53 7.68 28.34
N ARG A 189 -8.58 6.89 28.16
CA ARG A 189 -8.50 5.43 28.10
C ARG A 189 -8.50 4.87 26.69
N GLU A 190 -8.53 5.73 25.68
CA GLU A 190 -8.54 5.23 24.31
C GLU A 190 -7.12 4.87 23.86
N MET A 191 -7.04 4.15 22.74
CA MET A 191 -5.76 3.69 22.21
C MET A 191 -5.90 3.58 20.70
N PHE A 192 -5.25 4.48 19.96
CA PHE A 192 -5.37 4.52 18.51
C PHE A 192 -4.41 5.58 17.97
N THR A 193 -4.28 5.59 16.64
CA THR A 193 -3.56 6.63 15.91
C THR A 193 -4.41 7.03 14.73
N ARG A 194 -4.61 8.34 14.55
CA ARG A 194 -5.46 8.88 13.51
C ARG A 194 -4.73 10.05 12.87
N ILE A 195 -4.70 10.06 11.53
CA ILE A 195 -4.25 11.21 10.76
C ILE A 195 -5.42 11.67 9.93
N GLU A 196 -5.76 12.96 10.03
CA GLU A 196 -6.82 13.55 9.21
C GLU A 196 -6.23 14.78 8.52
N LEU A 197 -6.52 14.93 7.24
CA LEU A 197 -5.85 16.01 6.50
C LEU A 197 -6.66 16.45 5.29
N MET A 198 -6.36 17.66 4.83
CA MET A 198 -6.93 18.19 3.59
C MET A 198 -5.77 18.44 2.64
N PRO A 199 -5.63 17.64 1.58
CA PRO A 199 -4.54 17.85 0.63
C PRO A 199 -4.65 19.20 -0.07
N VAL A 200 -3.50 19.68 -0.56
CA VAL A 200 -3.44 20.89 -1.39
C VAL A 200 -3.85 20.59 -2.83
N TYR A 201 -5.12 20.22 -3.01
CA TYR A 201 -5.61 19.76 -4.31
C TYR A 201 -5.31 20.75 -5.43
N GLN A 202 -5.60 22.03 -5.20
CA GLN A 202 -5.45 23.00 -6.28
C GLN A 202 -3.99 23.14 -6.69
N GLU A 203 -3.09 23.16 -5.71
CA GLU A 203 -1.66 23.23 -6.01
C GLU A 203 -1.19 22.02 -6.80
N LEU A 204 -1.87 20.89 -6.66
CA LEU A 204 -1.52 19.65 -7.36
C LEU A 204 -2.31 19.45 -8.65
N GLY A 205 -3.08 20.46 -9.07
CA GLY A 205 -3.68 20.48 -10.38
C GLY A 205 -5.17 20.26 -10.42
N TYR A 206 -5.82 20.10 -9.27
CA TYR A 206 -7.23 19.77 -9.19
C TYR A 206 -8.08 21.02 -9.02
N ALA A 207 -9.38 20.86 -9.23
CA ALA A 207 -10.32 21.97 -9.02
C ALA A 207 -10.48 22.22 -7.52
N GLU A 208 -10.88 23.45 -7.20
CA GLU A 208 -11.19 23.87 -5.83
C GLU A 208 -12.65 24.29 -5.81
N PRO A 209 -13.58 23.43 -5.36
CA PRO A 209 -13.41 22.09 -4.80
C PRO A 209 -13.29 21.05 -5.92
N LEU A 210 -12.99 19.81 -5.54
CA LEU A 210 -12.85 18.74 -6.53
C LEU A 210 -14.07 18.68 -7.44
N SER A 211 -13.83 18.47 -8.73
CA SER A 211 -14.91 18.25 -9.66
C SER A 211 -15.58 16.90 -9.39
N GLU A 212 -16.76 16.71 -9.97
CA GLU A 212 -17.46 15.44 -9.78
C GLU A 212 -16.60 14.27 -10.24
N THR A 213 -15.93 14.42 -11.37
CA THR A 213 -15.10 13.32 -11.90
C THR A 213 -13.84 13.11 -11.04
N GLU A 214 -13.19 14.20 -10.62
CA GLU A 214 -12.02 14.07 -9.75
C GLU A 214 -12.38 13.35 -8.46
N GLN A 215 -13.48 13.78 -7.83
CA GLN A 215 -13.95 13.13 -6.61
C GLN A 215 -14.23 11.65 -6.84
N ALA A 216 -14.95 11.32 -7.92
CA ALA A 216 -15.29 9.94 -8.18
C ALA A 216 -14.05 9.09 -8.43
N ASP A 217 -13.09 9.63 -9.20
CA ASP A 217 -11.87 8.89 -9.50
C ASP A 217 -11.05 8.64 -8.24
N LEU A 218 -10.86 9.70 -7.44
CA LEU A 218 -10.06 9.57 -6.23
C LEU A 218 -10.72 8.62 -5.24
N SER A 219 -12.04 8.69 -5.09
CA SER A 219 -12.73 7.77 -4.18
C SER A 219 -12.54 6.34 -4.64
N ALA A 220 -12.70 6.10 -5.94
CA ALA A 220 -12.51 4.75 -6.49
C ALA A 220 -11.09 4.26 -6.26
N TRP A 221 -10.09 5.13 -6.46
CA TRP A 221 -8.70 4.74 -6.25
C TRP A 221 -8.46 4.34 -4.79
N ILE A 222 -8.96 5.16 -3.84
CA ILE A 222 -8.75 4.89 -2.42
C ILE A 222 -9.45 3.60 -2.03
N TYR A 223 -10.69 3.42 -2.50
CA TYR A 223 -11.44 2.21 -2.19
C TYR A 223 -10.69 0.96 -2.64
N LEU A 224 -10.14 0.98 -3.86
CA LEU A 224 -9.37 -0.16 -4.33
C LEU A 224 -8.13 -0.38 -3.47
N ARG A 225 -7.44 0.69 -3.09
CA ARG A 225 -6.27 0.54 -2.23
C ARG A 225 -6.65 -0.08 -0.89
N ALA A 226 -7.80 0.32 -0.34
CA ALA A 226 -8.32 -0.28 0.88
C ALA A 226 -8.62 -1.76 0.70
N CYS A 227 -9.19 -2.14 -0.44
CA CYS A 227 -9.48 -3.54 -0.71
C CYS A 227 -8.20 -4.36 -0.82
N GLN A 228 -7.15 -3.77 -1.41
CA GLN A 228 -5.86 -4.44 -1.46
C GLN A 228 -5.31 -4.68 -0.06
N CYS A 229 -5.44 -3.67 0.82
CA CYS A 229 -5.05 -3.82 2.22
CA CYS A 229 -5.06 -3.79 2.22
C CYS A 229 -5.79 -4.96 2.88
N ALA A 230 -7.07 -5.11 2.58
CA ALA A 230 -7.87 -6.12 3.25
C ALA A 230 -7.35 -7.51 2.96
N ALA A 231 -6.81 -7.72 1.76
CA ALA A 231 -6.25 -9.03 1.46
C ALA A 231 -4.91 -9.27 2.12
N TYR A 232 -4.17 -8.20 2.46
CA TYR A 232 -2.84 -8.28 3.02
C TYR A 232 -2.81 -8.46 4.54
N VAL A 233 -3.66 -7.73 5.27
CA VAL A 233 -3.62 -7.74 6.73
C VAL A 233 -4.04 -9.11 7.29
N GLY A 234 -3.76 -9.32 8.57
CA GLY A 234 -4.10 -10.57 9.23
C GLY A 234 -5.60 -10.75 9.40
N LYS A 235 -5.97 -12.00 9.73
CA LYS A 235 -7.38 -12.41 9.73
C LYS A 235 -8.20 -11.72 10.82
N GLY A 236 -7.55 -11.09 11.80
CA GLY A 236 -8.26 -10.37 12.84
C GLY A 236 -8.49 -8.91 12.57
N THR A 237 -8.09 -8.39 11.41
CA THR A 237 -8.17 -6.97 11.12
C THR A 237 -9.19 -6.72 10.02
N THR A 238 -10.09 -5.78 10.26
CA THR A 238 -11.06 -5.34 9.26
C THR A 238 -10.65 -3.98 8.74
N ILE A 239 -10.72 -3.82 7.42
CA ILE A 239 -10.48 -2.54 6.76
C ILE A 239 -11.84 -1.93 6.43
N TYR A 240 -12.01 -0.66 6.77
CA TYR A 240 -13.22 0.09 6.43
C TYR A 240 -12.86 1.20 5.47
N TYR A 241 -13.75 1.47 4.51
CA TYR A 241 -13.65 2.65 3.67
C TYR A 241 -14.97 3.40 3.83
N ASN A 242 -14.89 4.65 4.27
CA ASN A 242 -16.09 5.43 4.57
C ASN A 242 -17.09 4.67 5.43
N ASP A 243 -16.55 4.03 6.48
CA ASP A 243 -17.26 3.35 7.57
C ASP A 243 -17.82 1.99 7.16
N LYS A 244 -17.60 1.53 5.96
CA LYS A 244 -18.13 0.25 5.56
C LYS A 244 -17.00 -0.74 5.30
N PRO A 245 -17.16 -2.00 5.71
CA PRO A 245 -16.05 -2.95 5.60
C PRO A 245 -15.72 -3.30 4.17
N CYS A 246 -14.41 -3.43 3.91
N CYS A 246 -14.45 -3.51 3.86
CA CYS A 246 -13.94 -3.90 2.58
CA CYS A 246 -13.97 -3.92 2.53
C CYS A 246 -13.80 -5.42 2.71
C CYS A 246 -13.99 -5.44 2.42
N ARG A 247 -14.78 -6.17 2.25
N ARG A 247 -14.89 -5.93 1.57
CA ARG A 247 -14.74 -7.64 2.48
CA ARG A 247 -15.11 -7.36 1.34
C ARG A 247 -14.05 -8.35 1.32
C ARG A 247 -14.10 -7.86 0.34
N THR A 248 -12.86 -7.89 0.93
N THR A 248 -12.90 -8.07 0.79
CA THR A 248 -12.05 -8.56 -0.13
CA THR A 248 -11.97 -8.60 -0.23
C THR A 248 -10.85 -9.16 0.59
C THR A 248 -10.81 -9.26 0.52
N GLY A 249 -11.09 -10.08 1.53
CA GLY A 249 -10.03 -10.62 2.39
C GLY A 249 -9.25 -11.81 1.85
N SER A 250 -9.34 -12.07 0.55
CA SER A 250 -8.56 -13.15 -0.04
C SER A 250 -8.06 -12.71 -1.41
N VAL A 251 -6.96 -13.35 -1.84
CA VAL A 251 -6.47 -13.09 -3.19
C VAL A 251 -7.52 -13.50 -4.22
N MET A 252 -8.33 -14.52 -3.91
CA MET A 252 -9.39 -14.90 -4.85
C MET A 252 -10.39 -13.77 -5.04
N ALA A 253 -10.78 -13.11 -3.95
CA ALA A 253 -11.71 -11.99 -4.06
C ALA A 253 -11.11 -10.85 -4.88
N LEU A 254 -9.82 -10.56 -4.69
CA LEU A 254 -9.17 -9.55 -5.53
C LEU A 254 -9.14 -9.96 -7.00
N ALA A 255 -8.78 -11.21 -7.29
CA ALA A 255 -8.74 -11.64 -8.67
C ALA A 255 -10.11 -11.52 -9.33
N LYS A 256 -11.17 -11.88 -8.60
CA LYS A 256 -12.52 -11.74 -9.16
C LYS A 256 -12.84 -10.30 -9.46
N MET A 257 -12.48 -9.38 -8.55
CA MET A 257 -12.82 -7.98 -8.73
C MET A 257 -12.11 -7.37 -9.94
N TYR A 258 -10.87 -7.79 -10.21
CA TYR A 258 -10.15 -7.29 -11.37
C TYR A 258 -10.58 -7.94 -12.68
N THR A 259 -11.25 -9.07 -12.64
CA THR A 259 -11.61 -9.79 -13.86
C THR A 259 -13.11 -9.90 -14.08
N LEU A 260 -13.92 -9.21 -13.26
CA LEU A 260 -15.37 -9.36 -13.33
C LEU A 260 -15.92 -8.87 -14.65
N LEU A 261 -15.41 -7.75 -15.16
CA LEU A 261 -15.91 -7.25 -16.43
C LEU A 261 -15.37 -8.07 -17.60
N SER A 262 -14.07 -8.40 -17.56
CA SER A 262 -13.40 -8.98 -18.71
C SER A 262 -13.63 -10.48 -18.83
N ALA A 263 -13.72 -11.20 -17.70
CA ALA A 263 -13.82 -12.66 -17.73
C ALA A 263 -14.68 -13.12 -16.56
N PRO A 264 -15.96 -12.77 -16.55
CA PRO A 264 -16.82 -13.21 -15.44
C PRO A 264 -16.97 -14.72 -15.44
N ASN A 265 -17.25 -15.26 -14.26
CA ASN A 265 -17.48 -16.69 -14.10
C ASN A 265 -16.28 -17.51 -14.54
N SER A 266 -15.10 -17.05 -14.16
CA SER A 266 -13.88 -17.71 -14.59
C SER A 266 -13.34 -18.63 -13.51
N THR A 267 -12.47 -19.49 -13.94
CA THR A 267 -11.75 -20.36 -13.04
C THR A 267 -10.59 -19.60 -12.41
N ILE A 268 -10.45 -19.71 -11.10
CA ILE A 268 -9.39 -19.04 -10.36
C ILE A 268 -8.40 -20.11 -9.89
N HIS A 269 -7.18 -20.06 -10.40
CA HIS A 269 -6.13 -20.98 -10.00
C HIS A 269 -5.47 -20.40 -8.75
N THR A 270 -5.29 -21.21 -7.71
CA THR A 270 -4.81 -20.71 -6.44
C THR A 270 -3.53 -21.44 -6.03
N ALA A 271 -2.69 -20.72 -5.30
CA ALA A 271 -1.49 -21.33 -4.75
C ALA A 271 -1.08 -20.55 -3.52
N THR A 272 -0.52 -21.26 -2.54
CA THR A 272 0.26 -20.65 -1.47
C THR A 272 1.71 -21.06 -1.70
N ILE A 273 2.55 -20.10 -2.03
CA ILE A 273 3.96 -20.34 -2.29
C ILE A 273 4.71 -20.27 -0.96
N LYS A 274 5.35 -21.36 -0.56
CA LYS A 274 6.00 -21.43 0.72
C LYS A 274 7.50 -21.60 0.55
N ALA A 275 8.23 -21.24 1.58
CA ALA A 275 9.68 -21.25 1.55
C ALA A 275 10.23 -22.19 2.60
N ASP A 276 11.51 -22.53 2.46
CA ASP A 276 12.07 -23.70 3.12
C ASP A 276 12.84 -23.41 4.41
N ALA A 277 12.97 -22.15 4.81
CA ALA A 277 13.77 -21.83 5.99
C ALA A 277 13.47 -20.41 6.41
N LYS A 278 13.67 -20.13 7.69
CA LYS A 278 13.49 -18.77 8.17
C LYS A 278 14.54 -17.86 7.53
N PRO A 279 14.22 -16.58 7.29
CA PRO A 279 12.95 -15.90 7.60
C PRO A 279 11.85 -16.14 6.58
N TYR A 280 12.22 -16.67 5.41
CA TYR A 280 11.26 -16.78 4.31
C TYR A 280 10.07 -17.66 4.67
N SER A 281 10.31 -18.71 5.46
CA SER A 281 9.26 -19.67 5.80
C SER A 281 8.20 -19.09 6.71
N LEU A 282 8.45 -17.93 7.31
CA LEU A 282 7.44 -17.24 8.11
C LEU A 282 6.41 -16.53 7.23
N HIS A 283 6.65 -16.47 5.92
CA HIS A 283 5.95 -15.52 5.05
C HIS A 283 5.47 -16.22 3.77
N PRO A 284 4.41 -17.02 3.88
CA PRO A 284 3.83 -17.61 2.65
C PRO A 284 3.27 -16.52 1.75
N LEU A 285 3.38 -16.73 0.45
CA LEU A 285 2.80 -15.80 -0.52
C LEU A 285 1.52 -16.39 -1.10
N GLN A 286 0.43 -15.60 -1.06
CA GLN A 286 -0.85 -16.05 -1.59
C GLN A 286 -1.00 -15.60 -3.03
N VAL A 287 -1.43 -16.52 -3.90
CA VAL A 287 -1.52 -16.28 -5.34
C VAL A 287 -2.89 -16.71 -5.84
N ALA A 288 -3.50 -15.89 -6.68
CA ALA A 288 -4.70 -16.29 -7.42
C ALA A 288 -4.54 -15.79 -8.85
N ALA A 289 -4.80 -16.65 -9.83
CA ALA A 289 -4.64 -16.25 -11.22
C ALA A 289 -5.84 -16.67 -12.05
N VAL A 290 -6.08 -15.88 -13.09
CA VAL A 290 -7.10 -16.16 -14.10
C VAL A 290 -6.41 -16.20 -15.45
N VAL A 291 -6.78 -17.18 -16.28
CA VAL A 291 -6.24 -17.33 -17.63
C VAL A 291 -7.38 -17.17 -18.61
N SER A 292 -7.24 -16.25 -19.55
CA SER A 292 -8.33 -16.01 -20.49
C SER A 292 -7.78 -15.62 -21.84
N PRO A 293 -8.38 -16.12 -22.94
CA PRO A 293 -8.00 -15.62 -24.26
C PRO A 293 -8.33 -14.15 -24.48
N LYS A 294 -9.22 -13.58 -23.66
CA LYS A 294 -9.56 -12.17 -23.80
C LYS A 294 -8.50 -11.24 -23.22
N PHE A 295 -7.55 -11.78 -22.44
CA PHE A 295 -6.50 -10.95 -21.87
C PHE A 295 -5.43 -10.73 -22.91
N LYS A 296 -5.03 -9.47 -23.11
CA LYS A 296 -4.16 -9.07 -24.21
C LYS A 296 -2.68 -9.04 -23.86
N LYS A 297 -2.35 -8.99 -22.57
CA LYS A 297 -0.97 -8.99 -22.13
C LYS A 297 -0.97 -9.46 -20.70
N PHE A 298 0.20 -9.91 -20.25
CA PHE A 298 0.35 -10.31 -18.86
C PHE A 298 0.07 -9.13 -17.94
N GLU A 299 -0.66 -9.37 -16.86
CA GLU A 299 -0.86 -8.36 -15.83
C GLU A 299 -0.76 -9.00 -14.46
N HIS A 300 -0.17 -8.26 -13.52
CA HIS A 300 -0.14 -8.69 -12.13
C HIS A 300 -0.60 -7.55 -11.23
N VAL A 301 -1.11 -7.92 -10.07
CA VAL A 301 -1.29 -7.01 -8.95
C VAL A 301 -0.55 -7.62 -7.79
N SER A 302 0.45 -6.90 -7.29
CA SER A 302 1.32 -7.42 -6.23
C SER A 302 1.22 -6.51 -5.02
N ILE A 303 0.79 -7.06 -3.89
CA ILE A 303 0.78 -6.33 -2.64
C ILE A 303 1.85 -7.00 -1.80
N ILE A 304 3.02 -6.37 -1.72
CA ILE A 304 4.20 -6.96 -1.06
C ILE A 304 4.55 -6.05 0.10
N ASN A 305 4.61 -6.61 1.31
CA ASN A 305 4.90 -5.81 2.50
C ASN A 305 3.92 -4.64 2.63
N GLY A 306 2.68 -4.87 2.20
CA GLY A 306 1.62 -3.88 2.27
C GLY A 306 1.64 -2.84 1.17
N VAL A 307 2.62 -2.88 0.27
CA VAL A 307 2.84 -1.88 -0.77
C VAL A 307 2.34 -2.43 -2.09
N ASN A 308 1.67 -1.60 -2.88
CA ASN A 308 1.31 -2.02 -4.23
C ASN A 308 2.54 -1.85 -5.12
N CYS A 309 3.23 -2.96 -5.37
CA CYS A 309 4.51 -3.04 -6.09
C CYS A 309 4.28 -3.35 -7.57
N VAL A 310 4.74 -2.47 -8.47
CA VAL A 310 4.50 -2.73 -9.89
C VAL A 310 5.60 -3.53 -10.57
N LYS A 311 6.76 -3.67 -9.96
CA LYS A 311 7.87 -4.36 -10.60
C LYS A 311 8.68 -5.10 -9.54
N GLY A 312 8.97 -6.37 -9.79
CA GLY A 312 9.80 -7.12 -8.86
C GLY A 312 10.08 -8.50 -9.38
N GLU A 313 11.21 -9.06 -8.93
CA GLU A 313 11.64 -10.39 -9.36
C GLU A 313 10.72 -11.50 -8.88
N HIS A 314 9.84 -11.23 -7.91
CA HIS A 314 8.87 -12.26 -7.54
C HIS A 314 7.94 -12.58 -8.72
N VAL A 315 7.57 -11.56 -9.50
CA VAL A 315 6.76 -11.78 -10.70
C VAL A 315 7.53 -12.61 -11.71
N THR A 316 8.80 -12.25 -11.92
CA THR A 316 9.61 -12.95 -12.92
C THR A 316 9.75 -14.42 -12.56
N PHE A 317 9.91 -14.71 -11.26
CA PHE A 317 10.01 -16.09 -10.80
C PHE A 317 8.77 -16.89 -11.19
N LEU A 318 7.58 -16.32 -10.96
CA LEU A 318 6.34 -17.01 -11.34
C LEU A 318 6.28 -17.22 -12.85
N LYS A 319 6.58 -16.16 -13.63
CA LYS A 319 6.45 -16.22 -15.08
C LYS A 319 7.41 -17.24 -15.68
N LYS A 320 8.68 -17.21 -15.26
CA LYS A 320 9.66 -18.15 -15.80
C LYS A 320 9.29 -19.57 -15.47
N THR A 321 8.76 -19.81 -14.26
CA THR A 321 8.41 -21.17 -13.87
C THR A 321 7.25 -21.68 -14.72
N ILE A 322 6.24 -20.83 -14.95
CA ILE A 322 5.12 -21.23 -15.81
C ILE A 322 5.60 -21.42 -17.24
N ASN A 323 6.43 -20.49 -17.74
CA ASN A 323 6.90 -20.54 -19.11
C ASN A 323 7.61 -21.86 -19.39
N GLU A 324 8.47 -22.30 -18.47
CA GLU A 324 9.19 -23.55 -18.67
C GLU A 324 8.23 -24.72 -18.86
N MET A 325 7.18 -24.78 -18.03
CA MET A 325 6.22 -25.88 -18.16
C MET A 325 5.35 -25.74 -19.40
N VAL A 326 4.96 -24.52 -19.76
CA VAL A 326 4.14 -24.33 -20.96
C VAL A 326 4.90 -24.79 -22.20
N ILE A 327 6.16 -24.38 -22.32
CA ILE A 327 6.97 -24.78 -23.47
C ILE A 327 7.00 -26.30 -23.60
N LYS A 328 7.21 -26.99 -22.47
CA LYS A 328 7.26 -28.44 -22.48
C LYS A 328 5.93 -29.06 -22.89
N LYS A 329 4.83 -28.66 -22.24
CA LYS A 329 3.52 -29.23 -22.56
C LYS A 329 3.11 -28.93 -24.00
N PHE A 330 3.35 -27.70 -24.45
CA PHE A 330 3.02 -27.34 -25.82
C PHE A 330 3.84 -28.17 -26.81
N GLN A 331 5.13 -28.39 -26.50
CA GLN A 331 5.99 -29.16 -27.39
C GLN A 331 5.48 -30.58 -27.57
N GLN A 332 4.80 -31.12 -26.56
CA GLN A 332 4.26 -32.47 -26.66
C GLN A 332 3.15 -32.60 -27.68
N THR A 333 2.61 -31.48 -28.17
CA THR A 333 1.58 -31.50 -29.21
C THR A 333 1.71 -30.32 -30.16
N ASP A 345 4.60 -14.38 -24.60
CA ASP A 345 3.83 -15.41 -25.27
C ASP A 345 3.15 -16.39 -24.30
N SER A 346 3.94 -17.15 -23.57
CA SER A 346 3.36 -18.14 -22.66
C SER A 346 2.55 -17.50 -21.53
N CYS A 347 2.81 -16.24 -21.22
CA CYS A 347 2.15 -15.59 -20.09
C CYS A 347 1.20 -14.47 -20.47
N SER A 348 1.00 -14.21 -21.77
CA SER A 348 0.21 -13.06 -22.19
C SER A 348 -1.27 -13.19 -21.86
N ASN A 349 -1.74 -14.38 -21.49
CA ASN A 349 -3.14 -14.59 -21.15
C ASN A 349 -3.39 -14.66 -19.64
N ILE A 350 -2.40 -14.30 -18.83
CA ILE A 350 -2.48 -14.47 -17.38
C ILE A 350 -2.79 -13.13 -16.74
N PHE A 351 -3.74 -13.12 -15.81
CA PHE A 351 -3.84 -12.08 -14.80
C PHE A 351 -3.57 -12.74 -13.47
N VAL A 352 -2.65 -12.18 -12.67
CA VAL A 352 -2.29 -12.84 -11.41
C VAL A 352 -2.20 -11.84 -10.27
N VAL A 353 -2.72 -12.23 -9.12
CA VAL A 353 -2.65 -11.47 -7.86
C VAL A 353 -1.67 -12.20 -6.94
N ILE A 354 -0.73 -11.46 -6.36
CA ILE A 354 0.25 -12.01 -5.41
C ILE A 354 0.24 -11.11 -4.19
N VAL A 355 -0.01 -11.68 -3.01
CA VAL A 355 -0.10 -10.90 -1.79
C VAL A 355 0.68 -11.58 -0.68
N GLY A 356 1.57 -10.85 -0.04
CA GLY A 356 2.27 -11.38 1.12
C GLY A 356 3.49 -10.54 1.46
N SER A 357 4.26 -11.05 2.41
CA SER A 357 5.46 -10.36 2.90
C SER A 357 6.68 -11.05 2.32
N ILE A 358 7.71 -10.28 1.97
CA ILE A 358 8.98 -10.83 1.54
C ILE A 358 10.10 -10.18 2.34
N PRO A 359 10.85 -10.92 3.14
CA PRO A 359 11.96 -10.32 3.90
C PRO A 359 13.15 -10.04 2.99
N GLY A 360 13.84 -8.95 3.29
CA GLY A 360 15.11 -8.65 2.66
C GLY A 360 15.02 -7.84 1.38
N ILE A 361 13.82 -7.46 0.94
CA ILE A 361 13.71 -6.66 -0.27
C ILE A 361 14.18 -5.24 -0.01
N GLU A 362 14.59 -4.57 -1.07
CA GLU A 362 15.03 -3.16 -1.03
CA GLU A 362 14.99 -3.16 -1.01
C GLU A 362 14.22 -2.39 -2.08
N TRP A 363 13.59 -1.31 -1.67
CA TRP A 363 12.82 -0.47 -2.59
C TRP A 363 13.73 0.51 -3.32
N THR A 364 13.40 0.83 -4.58
CA THR A 364 14.27 1.67 -5.40
C THR A 364 14.10 3.17 -5.18
N GLY A 365 13.10 3.59 -4.42
CA GLY A 365 12.84 4.99 -4.17
C GLY A 365 11.84 5.06 -3.04
N GLN A 366 11.57 6.28 -2.56
CA GLN A 366 10.57 6.47 -1.52
C GLN A 366 9.20 5.98 -1.97
N ARG A 367 8.87 6.13 -3.26
CA ARG A 367 7.57 5.71 -3.76
C ARG A 367 7.34 4.20 -3.64
N LYS A 368 8.42 3.40 -3.61
CA LYS A 368 8.28 1.94 -3.50
C LYS A 368 7.48 1.35 -4.66
N ASP A 369 7.81 1.81 -5.87
CA ASP A 369 7.22 1.25 -7.07
C ASP A 369 7.84 -0.09 -7.44
N GLU A 370 9.13 -0.26 -7.17
CA GLU A 370 9.90 -1.42 -7.58
C GLU A 370 10.68 -1.94 -6.38
N LEU A 371 10.64 -3.25 -6.18
CA LEU A 371 11.49 -3.89 -5.19
C LEU A 371 12.68 -4.51 -5.89
N SER A 372 13.76 -4.69 -5.12
CA SER A 372 15.03 -5.19 -5.63
C SER A 372 15.48 -6.34 -4.75
N ILE A 373 15.96 -7.40 -5.39
CA ILE A 373 16.36 -8.63 -4.71
C ILE A 373 17.14 -9.46 -5.71
N ALA A 374 17.96 -10.38 -5.19
CA ALA A 374 18.53 -11.42 -6.05
C ALA A 374 17.44 -12.39 -6.50
N GLU A 375 17.35 -12.61 -7.81
CA GLU A 375 16.40 -13.61 -8.32
C GLU A 375 16.61 -14.97 -7.67
N ASN A 376 17.85 -15.30 -7.29
CA ASN A 376 18.11 -16.62 -6.73
C ASN A 376 17.45 -16.82 -5.38
N VAL A 377 17.01 -15.76 -4.70
CA VAL A 377 16.27 -15.95 -3.45
C VAL A 377 15.11 -16.90 -3.68
N PHE A 378 14.36 -16.69 -4.78
CA PHE A 378 13.18 -17.51 -5.03
C PHE A 378 13.58 -18.90 -5.51
N LYS A 379 14.58 -18.99 -6.38
CA LYS A 379 15.07 -20.29 -6.84
C LYS A 379 15.54 -21.15 -5.67
N THR A 380 16.27 -20.56 -4.74
CA THR A 380 16.82 -21.33 -3.64
C THR A 380 15.74 -21.72 -2.64
N HIS A 381 14.87 -20.80 -2.27
CA HIS A 381 14.06 -20.97 -1.07
C HIS A 381 12.59 -21.29 -1.30
N TYR A 382 12.01 -20.92 -2.44
CA TYR A 382 10.55 -20.94 -2.59
C TYR A 382 10.13 -22.04 -3.55
N SER A 383 8.96 -22.62 -3.28
CA SER A 383 8.39 -23.67 -4.13
C SER A 383 6.98 -23.29 -4.55
N ILE A 384 6.74 -23.22 -5.85
CA ILE A 384 5.39 -23.01 -6.37
C ILE A 384 4.70 -24.37 -6.47
N PRO A 385 3.52 -24.53 -5.86
CA PRO A 385 2.86 -25.84 -5.87
C PRO A 385 2.63 -26.37 -7.28
N SER A 386 2.89 -27.67 -7.44
CA SER A 386 2.75 -28.32 -8.74
C SER A 386 1.33 -28.26 -9.26
N SER A 387 0.34 -28.40 -8.37
CA SER A 387 -1.05 -28.41 -8.82
C SER A 387 -1.41 -27.11 -9.53
N PHE A 388 -0.94 -25.98 -8.99
CA PHE A 388 -1.18 -24.67 -9.61
C PHE A 388 -0.45 -24.58 -10.94
N LEU A 389 0.82 -24.98 -10.98
CA LEU A 389 1.56 -24.93 -12.24
C LEU A 389 0.91 -25.79 -13.31
N THR A 390 0.48 -26.99 -12.95
CA THR A 390 -0.13 -27.89 -13.92
C THR A 390 -1.46 -27.35 -14.43
N SER A 391 -2.29 -26.82 -13.53
CA SER A 391 -3.59 -26.33 -13.98
C SER A 391 -3.42 -25.08 -14.84
N MET A 392 -2.51 -24.19 -14.45
CA MET A 392 -2.24 -23.00 -15.26
C MET A 392 -1.74 -23.40 -16.63
N THR A 393 -0.82 -24.37 -16.68
CA THR A 393 -0.23 -24.80 -17.94
C THR A 393 -1.31 -25.40 -18.86
N ARG A 394 -2.19 -26.24 -18.31
CA ARG A 394 -3.29 -26.80 -19.09
C ARG A 394 -4.14 -25.70 -19.72
N SER A 395 -4.47 -24.68 -18.94
CA SER A 395 -5.32 -23.61 -19.48
C SER A 395 -4.58 -22.80 -20.54
N ILE A 396 -3.31 -22.51 -20.31
CA ILE A 396 -2.53 -21.72 -21.28
C ILE A 396 -2.36 -22.49 -22.58
N VAL A 397 -2.02 -23.78 -22.47
CA VAL A 397 -1.81 -24.59 -23.67
C VAL A 397 -3.10 -24.73 -24.48
N ASP A 398 -4.24 -24.93 -23.81
CA ASP A 398 -5.52 -24.95 -24.51
C ASP A 398 -5.73 -23.70 -25.37
N ILE A 399 -5.39 -22.53 -24.82
CA ILE A 399 -5.48 -21.29 -25.59
C ILE A 399 -4.54 -21.33 -26.79
N LEU A 400 -3.29 -21.72 -26.55
CA LEU A 400 -2.30 -21.69 -27.63
C LEU A 400 -2.69 -22.63 -28.77
N LEU A 401 -3.30 -23.77 -28.44
CA LEU A 401 -3.74 -24.70 -29.47
C LEU A 401 -4.97 -24.19 -30.21
N GLN A 402 -5.78 -23.35 -29.56
CA GLN A 402 -6.94 -22.74 -30.22
C GLN A 402 -6.60 -21.33 -30.72
PG ANP B . 8.70 5.50 5.22
O1G ANP B . 9.26 6.88 4.93
O2G ANP B . 9.33 4.44 4.26
O3G ANP B . 7.16 5.47 5.22
PB ANP B . 8.27 5.14 8.14
O1B ANP B . 9.07 4.53 9.26
O2B ANP B . 6.86 4.54 7.96
N3B ANP B . 9.24 5.03 6.77
PA ANP B . 6.83 7.60 8.44
O1A ANP B . 5.81 7.12 7.48
O2A ANP B . 7.29 9.05 8.29
O3A ANP B . 8.18 6.70 8.36
O5' ANP B . 6.30 7.34 9.92
C5' ANP B . 7.12 7.74 11.03
C4' ANP B . 6.93 6.78 12.18
O4' ANP B . 5.66 7.07 12.81
C3' ANP B . 6.85 5.30 11.82
O3' ANP B . 8.16 4.74 11.77
C2' ANP B . 6.04 4.72 12.98
O2' ANP B . 6.88 4.46 14.10
C1' ANP B . 5.08 5.87 13.32
N9 ANP B . 3.74 5.75 12.75
C8 ANP B . 3.29 6.36 11.61
N7 ANP B . 2.04 6.10 11.33
C5 ANP B . 1.63 5.27 12.36
C6 ANP B . 0.40 4.64 12.64
N6 ANP B . -0.68 4.75 11.86
N1 ANP B . 0.33 3.88 13.75
C2 ANP B . 1.41 3.75 14.52
N3 ANP B . 2.63 4.29 14.35
C4 ANP B . 2.67 5.04 13.25
MG MG C . 5.66 5.24 6.48
O1 MES D . 9.67 22.46 14.29
C2 MES D . 10.84 23.17 13.89
C3 MES D . 11.24 22.79 12.46
N4 MES D . 11.29 21.34 12.30
C5 MES D . 10.13 20.60 12.78
C6 MES D . 9.86 21.05 14.22
C7 MES D . 11.84 20.94 11.01
C8 MES D . 12.16 19.44 11.00
S MES D . 12.90 19.02 9.55
O1S MES D . 14.21 19.69 9.49
O2S MES D . 13.09 17.54 9.51
O3S MES D . 12.04 19.51 8.43
#